data_1KUF
#
_entry.id   1KUF
#
_cell.length_a   60.991
_cell.length_b   60.991
_cell.length_c   128.398
_cell.angle_alpha   90.00
_cell.angle_beta   90.00
_cell.angle_gamma   90.00
#
_symmetry.space_group_name_H-M   'P 41 21 2'
#
loop_
_entity.id
_entity.type
_entity.pdbx_description
1 polymer metalloproteinase
2 non-polymer 'CADMIUM ION'
3 water water
#
_entity_poly.entity_id   1
_entity_poly.type   'polypeptide(L)'
_entity_poly.pdbx_seq_one_letter_code
;EQQRFPQRYIELAIVVDHGMYTKYSSNFKKIRKRVHQMVSNINEMCRPLNIAITLALLDVWSEKDFITVQADAPTTAGLF
GDWRERVLLKKKNHDHAQLLTDTNFARNTIGWAYVGRMCDEKYSVAVVKDHSSKVFMVAVTMTHELGHNLGMEHDDKDKC
KCDTCIMSAVISDKQSKLFSDCSKDYYQTFLTNDNPQCILNAP
;
_entity_poly.pdbx_strand_id   A
#
loop_
_chem_comp.id
_chem_comp.type
_chem_comp.name
_chem_comp.formula
CD non-polymer 'CADMIUM ION' 'Cd 2'
#
# COMPACT_ATOMS: atom_id res chain seq x y z
N GLN A 3 12.04 2.08 -21.17
CA GLN A 3 11.76 1.97 -19.71
C GLN A 3 12.99 1.43 -18.98
N ARG A 4 13.25 1.96 -17.79
CA ARG A 4 14.38 1.50 -16.99
C ARG A 4 14.09 0.10 -16.45
N PHE A 5 12.80 -0.18 -16.20
CA PHE A 5 12.41 -1.46 -15.63
C PHE A 5 11.51 -2.31 -16.54
N PRO A 6 11.62 -3.64 -16.43
CA PRO A 6 10.80 -4.57 -17.22
C PRO A 6 9.37 -4.49 -16.66
N GLN A 7 8.40 -4.87 -17.48
CA GLN A 7 7.00 -4.80 -17.07
C GLN A 7 6.66 -5.73 -15.90
N ARG A 8 5.91 -5.18 -14.94
CA ARG A 8 5.44 -5.97 -13.81
C ARG A 8 3.99 -5.57 -13.57
N TYR A 9 3.29 -6.38 -12.79
CA TYR A 9 1.87 -6.13 -12.50
C TYR A 9 1.57 -6.38 -11.05
N ILE A 10 0.80 -5.50 -10.42
CA ILE A 10 0.41 -5.78 -9.04
C ILE A 10 -1.11 -5.71 -8.95
N GLU A 11 -1.72 -6.84 -8.61
CA GLU A 11 -3.19 -6.95 -8.44
C GLU A 11 -3.46 -6.72 -6.98
N LEU A 12 -4.03 -5.56 -6.67
CA LEU A 12 -4.29 -5.17 -5.29
C LEU A 12 -5.63 -5.53 -4.73
N ALA A 13 -5.67 -5.86 -3.44
CA ALA A 13 -6.95 -6.00 -2.77
C ALA A 13 -6.90 -4.83 -1.77
N ILE A 14 -8.00 -4.09 -1.70
CA ILE A 14 -8.10 -3.00 -0.73
C ILE A 14 -9.25 -3.35 0.19
N VAL A 15 -8.98 -3.28 1.49
CA VAL A 15 -9.97 -3.57 2.52
C VAL A 15 -10.21 -2.28 3.30
N VAL A 16 -11.47 -1.87 3.40
CA VAL A 16 -11.83 -0.66 4.15
C VAL A 16 -12.44 -1.14 5.48
N ASP A 17 -11.88 -0.73 6.61
CA ASP A 17 -12.41 -1.22 7.88
C ASP A 17 -13.71 -0.54 8.30
N HIS A 18 -14.27 -0.97 9.43
CA HIS A 18 -15.56 -0.43 9.83
C HIS A 18 -15.52 1.02 10.29
N GLY A 19 -14.42 1.42 10.92
CA GLY A 19 -14.28 2.80 11.35
C GLY A 19 -14.25 3.71 10.13
N MET A 20 -13.54 3.30 9.07
CA MET A 20 -13.51 4.11 7.85
C MET A 20 -14.87 4.12 7.17
N TYR A 21 -15.55 2.97 7.17
CA TYR A 21 -16.90 2.88 6.60
C TYR A 21 -17.79 3.91 7.31
N THR A 22 -17.73 3.95 8.64
CA THR A 22 -18.52 4.88 9.44
C THR A 22 -18.11 6.33 9.15
N LYS A 23 -16.80 6.57 9.03
CA LYS A 23 -16.28 7.90 8.75
C LYS A 23 -16.90 8.48 7.47
N TYR A 24 -17.08 7.64 6.46
CA TYR A 24 -17.62 8.06 5.17
C TYR A 24 -19.13 7.82 5.06
N SER A 25 -19.83 8.11 6.16
CA SER A 25 -21.30 8.02 6.24
C SER A 25 -21.91 6.66 5.88
N SER A 26 -21.17 5.58 6.08
CA SER A 26 -21.67 4.24 5.77
C SER A 26 -22.18 4.18 4.32
N ASN A 27 -21.55 4.97 3.46
CA ASN A 27 -21.92 5.08 2.03
C ASN A 27 -20.92 4.29 1.16
N PHE A 28 -21.32 3.08 0.77
CA PHE A 28 -20.48 2.22 -0.08
C PHE A 28 -20.05 2.90 -1.37
N LYS A 29 -20.99 3.54 -2.06
CA LYS A 29 -20.65 4.20 -3.33
C LYS A 29 -19.54 5.23 -3.15
N LYS A 30 -19.66 6.08 -2.13
CA LYS A 30 -18.67 7.11 -1.85
C LYS A 30 -17.30 6.48 -1.55
N ILE A 31 -17.32 5.42 -0.75
CA ILE A 31 -16.10 4.71 -0.38
C ILE A 31 -15.46 4.08 -1.62
N ARG A 32 -16.24 3.44 -2.46
CA ARG A 32 -15.70 2.80 -3.66
C ARG A 32 -15.04 3.84 -4.57
N LYS A 33 -15.70 4.98 -4.72
CA LYS A 33 -15.16 6.04 -5.56
C LYS A 33 -13.83 6.53 -4.99
N ARG A 34 -13.75 6.72 -3.67
CA ARG A 34 -12.51 7.18 -3.08
C ARG A 34 -11.42 6.15 -3.30
N VAL A 35 -11.74 4.87 -3.11
CA VAL A 35 -10.73 3.83 -3.30
C VAL A 35 -10.25 3.79 -4.76
N HIS A 36 -11.17 3.91 -5.71
CA HIS A 36 -10.75 3.95 -7.09
C HIS A 36 -9.81 5.13 -7.37
N GLN A 37 -10.13 6.30 -6.81
CA GLN A 37 -9.27 7.45 -7.04
C GLN A 37 -7.88 7.22 -6.42
N MET A 38 -7.85 6.53 -5.29
CA MET A 38 -6.55 6.18 -4.68
C MET A 38 -5.76 5.26 -5.62
N VAL A 39 -6.42 4.21 -6.13
CA VAL A 39 -5.71 3.31 -7.02
C VAL A 39 -5.23 4.05 -8.28
N SER A 40 -6.03 4.97 -8.82
CA SER A 40 -5.58 5.67 -10.02
C SER A 40 -4.30 6.47 -9.72
N ASN A 41 -4.19 7.01 -8.50
CA ASN A 41 -2.96 7.72 -8.09
C ASN A 41 -1.80 6.76 -7.85
N ILE A 42 -2.05 5.61 -7.23
CA ILE A 42 -0.97 4.63 -7.05
C ILE A 42 -0.44 4.21 -8.43
N ASN A 43 -1.36 3.95 -9.36
CA ASN A 43 -0.98 3.59 -10.71
C ASN A 43 -0.09 4.66 -11.37
N GLU A 44 -0.52 5.91 -11.22
CA GLU A 44 0.27 7.02 -11.76
C GLU A 44 1.67 7.07 -11.13
N MET A 45 1.73 6.88 -9.81
CA MET A 45 3.02 6.95 -9.14
C MET A 45 3.94 5.79 -9.50
N CYS A 46 3.37 4.65 -9.89
CA CYS A 46 4.18 3.52 -10.26
C CYS A 46 4.57 3.48 -11.74
N ARG A 47 4.08 4.43 -12.53
CA ARG A 47 4.42 4.43 -13.97
C ARG A 47 5.93 4.41 -14.22
N PRO A 48 6.72 5.23 -13.51
CA PRO A 48 8.16 5.20 -13.78
C PRO A 48 8.84 3.90 -13.38
N LEU A 49 8.13 3.04 -12.66
CA LEU A 49 8.69 1.74 -12.27
C LEU A 49 8.22 0.65 -13.24
N ASN A 50 7.35 1.04 -14.17
CA ASN A 50 6.74 0.12 -15.13
C ASN A 50 5.94 -0.99 -14.45
N ILE A 51 5.19 -0.62 -13.42
CA ILE A 51 4.34 -1.58 -12.73
C ILE A 51 2.90 -1.15 -12.98
N ALA A 52 2.13 -2.04 -13.58
CA ALA A 52 0.74 -1.78 -13.86
C ALA A 52 -0.04 -2.21 -12.62
N ILE A 53 -0.72 -1.24 -12.02
CA ILE A 53 -1.50 -1.45 -10.80
C ILE A 53 -3.00 -1.62 -11.10
N THR A 54 -3.60 -2.70 -10.61
CA THR A 54 -5.05 -2.88 -10.79
C THR A 54 -5.71 -3.18 -9.45
N LEU A 55 -7.00 -2.90 -9.37
CA LEU A 55 -7.76 -3.19 -8.17
C LEU A 55 -8.47 -4.51 -8.44
N ALA A 56 -7.94 -5.59 -7.86
CA ALA A 56 -8.53 -6.92 -8.06
C ALA A 56 -9.73 -7.15 -7.16
N LEU A 57 -9.74 -6.49 -6.02
CA LEU A 57 -10.79 -6.76 -5.06
C LEU A 57 -10.94 -5.65 -4.06
N LEU A 58 -12.19 -5.29 -3.77
CA LEU A 58 -12.49 -4.28 -2.75
C LEU A 58 -13.39 -4.96 -1.72
N ASP A 59 -13.01 -4.89 -0.44
CA ASP A 59 -13.83 -5.47 0.61
C ASP A 59 -14.06 -4.38 1.64
N VAL A 60 -15.33 -4.03 1.88
CA VAL A 60 -15.69 -2.99 2.83
C VAL A 60 -16.38 -3.64 4.02
N TRP A 61 -15.80 -3.44 5.22
CA TRP A 61 -16.34 -4.06 6.44
C TRP A 61 -17.50 -3.21 6.94
N SER A 62 -18.65 -3.39 6.30
CA SER A 62 -19.84 -2.61 6.62
C SER A 62 -20.58 -2.98 7.89
N GLU A 63 -20.24 -4.11 8.50
CA GLU A 63 -20.90 -4.54 9.74
C GLU A 63 -20.00 -4.44 10.96
N LYS A 64 -18.79 -4.98 10.82
CA LYS A 64 -17.83 -4.98 11.92
C LYS A 64 -16.42 -5.33 11.45
N ASP A 65 -15.45 -4.99 12.27
CA ASP A 65 -14.06 -5.32 11.96
C ASP A 65 -13.85 -6.80 12.18
N PHE A 66 -13.09 -7.43 11.29
CA PHE A 66 -12.80 -8.85 11.42
C PHE A 66 -11.46 -9.12 12.09
N ILE A 67 -10.72 -8.05 12.38
CA ILE A 67 -9.48 -8.17 13.14
C ILE A 67 -9.50 -6.99 14.11
N THR A 68 -8.62 -6.98 15.10
CA THR A 68 -8.57 -5.85 16.01
C THR A 68 -7.60 -4.81 15.44
N VAL A 69 -8.15 -3.72 14.89
CA VAL A 69 -7.37 -2.62 14.28
C VAL A 69 -6.99 -1.68 15.42
N GLN A 70 -5.76 -1.86 15.88
CA GLN A 70 -5.31 -1.19 17.08
C GLN A 70 -4.24 -0.15 16.87
N ALA A 71 -3.81 0.49 17.96
CA ALA A 71 -2.85 1.59 17.85
C ALA A 71 -1.51 1.23 17.28
N ASP A 72 -1.00 0.03 17.57
CA ASP A 72 0.30 -0.34 17.00
C ASP A 72 0.07 -0.84 15.58
N ALA A 73 0.59 -0.11 14.59
CA ALA A 73 0.41 -0.50 13.20
C ALA A 73 1.04 -1.85 12.87
N PRO A 74 2.28 -2.12 13.32
CA PRO A 74 2.83 -3.43 12.97
C PRO A 74 2.00 -4.59 13.53
N THR A 75 1.49 -4.44 14.75
CA THR A 75 0.66 -5.49 15.32
C THR A 75 -0.60 -5.69 14.45
N THR A 76 -1.21 -4.58 14.07
CA THR A 76 -2.41 -4.63 13.22
C THR A 76 -2.08 -5.33 11.90
N ALA A 77 -0.92 -5.00 11.33
CA ALA A 77 -0.49 -5.61 10.07
C ALA A 77 -0.35 -7.12 10.16
N GLY A 78 0.14 -7.60 11.30
CA GLY A 78 0.29 -9.04 11.45
C GLY A 78 -1.06 -9.72 11.50
N LEU A 79 -2.01 -9.11 12.21
CA LEU A 79 -3.38 -9.67 12.31
C LEU A 79 -4.05 -9.59 10.93
N PHE A 80 -3.79 -8.50 10.20
CA PHE A 80 -4.36 -8.36 8.86
C PHE A 80 -3.76 -9.38 7.91
N GLY A 81 -2.46 -9.63 8.01
CA GLY A 81 -1.83 -10.61 7.14
C GLY A 81 -2.44 -11.99 7.37
N ASP A 82 -2.66 -12.33 8.63
CA ASP A 82 -3.26 -13.64 8.96
C ASP A 82 -4.65 -13.72 8.33
N TRP A 83 -5.46 -12.69 8.50
CA TRP A 83 -6.82 -12.71 7.95
C TRP A 83 -6.80 -12.68 6.43
N ARG A 84 -5.82 -11.99 5.86
CA ARG A 84 -5.70 -11.91 4.40
C ARG A 84 -5.36 -13.30 3.79
N GLU A 85 -4.50 -14.04 4.46
CA GLU A 85 -4.12 -15.35 3.96
C GLU A 85 -5.28 -16.34 4.13
N ARG A 86 -5.86 -16.35 5.31
CA ARG A 86 -6.93 -17.30 5.63
C ARG A 86 -8.29 -17.00 5.03
N VAL A 87 -8.58 -15.74 4.80
CA VAL A 87 -9.90 -15.38 4.30
C VAL A 87 -9.90 -14.66 2.97
N LEU A 88 -9.24 -13.50 2.90
CA LEU A 88 -9.28 -12.71 1.68
C LEU A 88 -8.76 -13.44 0.44
N LEU A 89 -7.61 -14.10 0.55
CA LEU A 89 -7.07 -14.84 -0.60
C LEU A 89 -8.01 -15.95 -1.09
N LYS A 90 -8.86 -16.47 -0.21
CA LYS A 90 -9.81 -17.52 -0.62
C LYS A 90 -10.98 -16.91 -1.40
N LYS A 91 -11.19 -15.60 -1.28
CA LYS A 91 -12.27 -14.95 -2.00
C LYS A 91 -11.87 -14.67 -3.44
N LYS A 92 -10.66 -14.17 -3.63
CA LYS A 92 -10.17 -13.89 -4.97
C LYS A 92 -8.69 -13.71 -4.87
N ASN A 93 -7.96 -14.37 -5.75
CA ASN A 93 -6.52 -14.22 -5.68
C ASN A 93 -6.08 -12.82 -6.02
N HIS A 94 -4.99 -12.39 -5.37
CA HIS A 94 -4.43 -11.06 -5.61
C HIS A 94 -3.01 -11.09 -5.07
N ASP A 95 -2.23 -10.06 -5.39
CA ASP A 95 -0.80 -10.05 -5.06
C ASP A 95 -0.38 -9.38 -3.76
N HIS A 96 -1.17 -8.37 -3.35
CA HIS A 96 -0.85 -7.55 -2.19
C HIS A 96 -2.16 -6.98 -1.71
N ALA A 97 -2.31 -6.86 -0.39
CA ALA A 97 -3.54 -6.30 0.16
C ALA A 97 -3.24 -5.18 1.15
N GLN A 98 -4.03 -4.11 1.10
CA GLN A 98 -3.85 -3.03 2.07
C GLN A 98 -5.15 -2.80 2.83
N LEU A 99 -5.01 -2.62 4.13
CA LEU A 99 -6.14 -2.31 5.00
C LEU A 99 -6.13 -0.80 5.23
N LEU A 100 -7.24 -0.13 4.88
CA LEU A 100 -7.40 1.32 5.11
C LEU A 100 -8.21 1.49 6.36
N THR A 101 -7.76 2.39 7.22
CA THR A 101 -8.45 2.59 8.51
C THR A 101 -8.39 4.04 8.94
N ASP A 102 -9.31 4.43 9.82
CA ASP A 102 -9.25 5.77 10.38
C ASP A 102 -8.62 5.74 11.79
N THR A 103 -8.09 4.59 12.16
CA THR A 103 -7.46 4.41 13.47
C THR A 103 -6.34 5.42 13.70
N ASN A 104 -6.32 5.99 14.90
CA ASN A 104 -5.26 6.92 15.25
C ASN A 104 -4.06 6.06 15.72
N PHE A 105 -3.31 5.51 14.78
CA PHE A 105 -2.14 4.72 15.12
C PHE A 105 -1.21 5.55 16.02
N ALA A 106 -0.49 4.83 16.87
CA ALA A 106 0.44 5.47 17.81
C ALA A 106 1.54 6.25 17.13
N ARG A 107 2.02 7.28 17.84
CA ARG A 107 3.12 8.10 17.37
C ARG A 107 2.89 8.77 16.03
N ASN A 108 1.66 9.13 15.76
CA ASN A 108 1.30 9.79 14.52
C ASN A 108 1.69 8.95 13.32
N THR A 109 1.76 7.64 13.51
CA THR A 109 2.10 6.71 12.42
C THR A 109 0.93 6.69 11.44
N ILE A 110 1.22 6.64 10.14
CA ILE A 110 0.15 6.63 9.15
C ILE A 110 0.16 5.41 8.24
N GLY A 111 1.08 4.49 8.45
CA GLY A 111 1.10 3.26 7.66
C GLY A 111 2.26 2.37 8.07
N TRP A 112 2.20 1.11 7.66
CA TRP A 112 3.28 0.16 7.95
C TRP A 112 3.14 -1.04 7.01
N ALA A 113 4.26 -1.66 6.64
CA ALA A 113 4.23 -2.85 5.76
C ALA A 113 5.53 -3.59 5.97
N TYR A 114 5.52 -4.90 5.67
CA TYR A 114 6.72 -5.72 5.74
C TYR A 114 7.65 -5.36 4.57
N VAL A 115 8.95 -5.34 4.82
CA VAL A 115 9.87 -5.00 3.74
C VAL A 115 10.22 -6.20 2.87
N GLY A 116 10.06 -6.02 1.56
CA GLY A 116 10.43 -7.02 0.57
C GLY A 116 9.65 -8.31 0.51
N ARG A 117 8.43 -8.28 1.02
CA ARG A 117 7.64 -9.50 1.03
C ARG A 117 6.51 -9.56 0.00
N MET A 118 6.61 -8.76 -1.06
CA MET A 118 5.61 -8.77 -2.14
C MET A 118 5.39 -10.23 -2.61
N CYS A 119 4.12 -10.58 -2.78
CA CYS A 119 3.64 -11.90 -3.19
C CYS A 119 3.47 -12.92 -2.07
N ASP A 120 4.15 -12.71 -0.94
CA ASP A 120 4.00 -13.65 0.16
C ASP A 120 2.55 -13.73 0.63
N GLU A 121 2.03 -14.94 0.88
CA GLU A 121 0.64 -15.09 1.31
C GLU A 121 0.26 -14.36 2.57
N LYS A 122 1.19 -14.30 3.52
CA LYS A 122 0.92 -13.61 4.77
C LYS A 122 1.53 -12.21 4.82
N TYR A 123 2.71 -12.04 4.22
CA TYR A 123 3.39 -10.76 4.36
C TYR A 123 3.28 -9.76 3.22
N SER A 124 2.50 -10.08 2.20
CA SER A 124 2.34 -9.09 1.12
C SER A 124 1.14 -8.20 1.52
N VAL A 125 1.31 -7.46 2.62
CA VAL A 125 0.27 -6.60 3.12
C VAL A 125 0.81 -5.32 3.68
N ALA A 126 -0.09 -4.36 3.84
CA ALA A 126 0.19 -3.06 4.44
C ALA A 126 -1.06 -2.59 5.16
N VAL A 127 -0.86 -1.71 6.14
CA VAL A 127 -1.98 -1.03 6.80
C VAL A 127 -1.69 0.45 6.58
N VAL A 128 -2.75 1.20 6.30
CA VAL A 128 -2.64 2.61 5.98
C VAL A 128 -3.74 3.40 6.64
N LYS A 129 -3.36 4.51 7.27
CA LYS A 129 -4.35 5.38 7.87
C LYS A 129 -4.90 6.37 6.81
N ASP A 130 -6.23 6.58 6.82
CA ASP A 130 -6.89 7.53 5.91
C ASP A 130 -6.63 8.88 6.60
N HIS A 131 -5.37 9.32 6.52
CA HIS A 131 -4.88 10.44 7.29
C HIS A 131 -5.02 11.84 6.76
N SER A 132 -5.73 11.98 5.64
CA SER A 132 -5.96 13.27 5.03
C SER A 132 -7.24 13.24 4.25
N SER A 133 -7.91 14.39 4.13
CA SER A 133 -9.09 14.40 3.31
C SER A 133 -8.61 14.34 1.85
N LYS A 134 -7.34 14.70 1.61
CA LYS A 134 -6.79 14.70 0.23
C LYS A 134 -6.44 13.28 -0.25
N VAL A 135 -7.17 12.82 -1.26
CA VAL A 135 -6.94 11.49 -1.79
C VAL A 135 -5.47 11.27 -2.11
N PHE A 136 -4.84 12.25 -2.75
CA PHE A 136 -3.45 12.07 -3.10
C PHE A 136 -2.56 11.76 -1.90
N MET A 137 -2.77 12.45 -0.79
CA MET A 137 -1.91 12.20 0.34
C MET A 137 -2.05 10.80 0.91
N VAL A 138 -3.26 10.25 0.92
CA VAL A 138 -3.41 8.88 1.41
C VAL A 138 -2.83 7.90 0.37
N ALA A 139 -3.00 8.20 -0.92
CA ALA A 139 -2.48 7.33 -1.96
C ALA A 139 -0.95 7.31 -1.92
N VAL A 140 -0.32 8.44 -1.61
CA VAL A 140 1.14 8.45 -1.49
C VAL A 140 1.54 7.45 -0.37
N THR A 141 0.82 7.46 0.73
CA THR A 141 1.14 6.55 1.83
C THR A 141 0.92 5.09 1.41
N MET A 142 -0.14 4.82 0.67
CA MET A 142 -0.36 3.46 0.18
C MET A 142 0.81 3.06 -0.73
N THR A 143 1.24 4.02 -1.55
CA THR A 143 2.36 3.74 -2.48
C THR A 143 3.70 3.57 -1.72
N HIS A 144 3.86 4.30 -0.62
CA HIS A 144 5.04 4.23 0.25
C HIS A 144 5.09 2.82 0.86
N GLU A 145 3.96 2.33 1.40
CA GLU A 145 3.95 1.00 2.01
C GLU A 145 4.16 -0.06 0.95
N LEU A 146 3.56 0.12 -0.23
CA LEU A 146 3.78 -0.79 -1.33
C LEU A 146 5.29 -0.82 -1.64
N GLY A 147 5.91 0.36 -1.63
CA GLY A 147 7.34 0.45 -1.92
C GLY A 147 8.16 -0.36 -0.94
N HIS A 148 7.87 -0.23 0.35
CA HIS A 148 8.58 -1.05 1.34
C HIS A 148 8.38 -2.55 0.99
N ASN A 149 7.17 -2.92 0.62
CA ASN A 149 6.90 -4.33 0.30
C ASN A 149 7.67 -4.78 -0.96
N LEU A 150 8.07 -3.80 -1.80
CA LEU A 150 8.88 -4.06 -2.99
C LEU A 150 10.38 -3.90 -2.71
N GLY A 151 10.74 -3.96 -1.42
CA GLY A 151 12.15 -3.93 -1.04
C GLY A 151 12.80 -2.58 -0.79
N MET A 152 12.00 -1.52 -0.74
CA MET A 152 12.55 -0.21 -0.55
C MET A 152 12.63 0.18 0.92
N GLU A 153 13.72 0.87 1.25
CA GLU A 153 13.88 1.42 2.60
C GLU A 153 13.64 2.94 2.38
N HIS A 154 13.67 3.72 3.46
CA HIS A 154 13.50 5.16 3.32
C HIS A 154 14.63 5.82 2.54
N ASP A 155 14.30 6.94 1.94
CA ASP A 155 15.32 7.69 1.20
C ASP A 155 16.39 8.15 2.18
N ASP A 156 17.63 8.21 1.69
CA ASP A 156 18.78 8.63 2.49
C ASP A 156 19.54 9.65 1.64
N LYS A 157 19.81 10.81 2.23
CA LYS A 157 20.47 11.92 1.53
C LYS A 157 21.84 11.61 0.92
N ASP A 158 22.58 10.71 1.54
CA ASP A 158 23.89 10.35 1.00
C ASP A 158 23.70 9.53 -0.26
N LYS A 159 22.64 8.73 -0.31
CA LYS A 159 22.38 7.87 -1.46
C LYS A 159 21.66 8.55 -2.64
N CYS A 160 20.78 9.50 -2.35
CA CYS A 160 20.04 10.21 -3.40
C CYS A 160 19.60 11.56 -2.84
N LYS A 161 19.39 12.51 -3.73
CA LYS A 161 19.06 13.85 -3.27
C LYS A 161 17.62 14.24 -3.02
N CYS A 162 16.67 13.46 -3.51
CA CYS A 162 15.28 13.83 -3.30
C CYS A 162 14.89 13.83 -1.84
N ASP A 163 14.31 14.96 -1.40
CA ASP A 163 13.88 15.23 -0.03
C ASP A 163 12.40 15.04 0.24
N THR A 164 11.60 14.99 -0.83
CA THR A 164 10.15 14.91 -0.66
C THR A 164 9.53 13.79 -1.48
N CYS A 165 10.35 12.81 -1.85
CA CYS A 165 9.85 11.71 -2.67
C CYS A 165 8.99 10.71 -1.86
N ILE A 166 8.40 9.74 -2.56
CA ILE A 166 7.48 8.81 -1.95
C ILE A 166 8.03 8.11 -0.73
N MET A 167 9.29 7.70 -0.81
CA MET A 167 9.89 6.97 0.33
C MET A 167 10.61 7.83 1.38
N SER A 168 10.24 9.11 1.45
CA SER A 168 10.81 9.94 2.50
C SER A 168 10.37 9.29 3.82
N ALA A 169 11.21 9.36 4.85
CA ALA A 169 10.85 8.75 6.13
C ALA A 169 9.54 9.26 6.72
N VAL A 170 9.28 10.55 6.52
CA VAL A 170 8.05 11.17 7.01
C VAL A 170 7.40 11.96 5.87
N ILE A 171 6.08 12.03 5.88
CA ILE A 171 5.34 12.74 4.85
C ILE A 171 5.32 14.23 5.18
N SER A 172 4.99 15.06 4.18
CA SER A 172 4.90 16.51 4.39
C SER A 172 4.05 17.10 3.28
N ASP A 173 3.58 18.33 3.49
CA ASP A 173 2.75 19.01 2.50
C ASP A 173 3.39 19.14 1.12
N LYS A 174 4.71 19.25 1.04
CA LYS A 174 5.36 19.39 -0.27
C LYS A 174 5.63 18.04 -0.92
N GLN A 175 4.98 17.00 -0.40
CA GLN A 175 5.14 15.64 -0.93
C GLN A 175 5.08 15.60 -2.46
N SER A 176 6.06 14.91 -3.05
CA SER A 176 6.15 14.75 -4.50
C SER A 176 5.55 13.39 -4.87
N LYS A 177 5.07 13.26 -6.10
CA LYS A 177 4.53 11.98 -6.54
C LYS A 177 5.63 11.08 -7.13
N LEU A 178 6.90 11.51 -7.04
CA LEU A 178 8.00 10.72 -7.60
C LEU A 178 8.74 9.80 -6.64
N PHE A 179 9.23 8.70 -7.19
CA PHE A 179 10.12 7.82 -6.43
C PHE A 179 11.54 8.39 -6.67
N SER A 180 12.34 8.40 -5.61
CA SER A 180 13.73 8.87 -5.68
C SER A 180 14.62 7.83 -6.39
N ASP A 181 15.86 8.21 -6.67
CA ASP A 181 16.81 7.25 -7.24
C ASP A 181 17.13 6.17 -6.19
N CYS A 182 17.03 6.51 -4.89
CA CYS A 182 17.27 5.51 -3.83
C CYS A 182 16.25 4.41 -4.03
N SER A 183 14.99 4.81 -4.21
CA SER A 183 13.89 3.86 -4.38
C SER A 183 14.00 3.02 -5.62
N LYS A 184 14.34 3.67 -6.74
CA LYS A 184 14.49 2.93 -7.99
C LYS A 184 15.65 1.92 -7.86
N ASP A 185 16.74 2.34 -7.20
CA ASP A 185 17.85 1.40 -7.02
C ASP A 185 17.42 0.23 -6.11
N TYR A 186 16.64 0.48 -5.05
CA TYR A 186 16.17 -0.63 -4.20
C TYR A 186 15.28 -1.57 -5.01
N TYR A 187 14.47 -1.01 -5.90
CA TYR A 187 13.58 -1.85 -6.71
C TYR A 187 14.42 -2.72 -7.65
N GLN A 188 15.48 -2.14 -8.22
CA GLN A 188 16.35 -2.94 -9.09
C GLN A 188 16.95 -4.13 -8.29
N THR A 189 17.40 -3.86 -7.07
CA THR A 189 17.98 -4.90 -6.22
C THR A 189 16.93 -5.98 -5.95
N PHE A 190 15.70 -5.55 -5.68
CA PHE A 190 14.61 -6.50 -5.42
C PHE A 190 14.31 -7.37 -6.65
N LEU A 191 14.29 -6.77 -7.83
CA LEU A 191 14.02 -7.56 -9.03
C LEU A 191 15.16 -8.51 -9.33
N THR A 192 16.38 -8.12 -8.97
CA THR A 192 17.55 -8.97 -9.21
C THR A 192 17.65 -10.10 -8.19
N ASN A 193 17.47 -9.77 -6.92
CA ASN A 193 17.63 -10.78 -5.88
C ASN A 193 16.41 -11.60 -5.48
N ASP A 194 15.23 -11.01 -5.61
CA ASP A 194 14.01 -11.69 -5.18
C ASP A 194 13.18 -12.08 -6.39
N ASN A 195 12.81 -11.11 -7.22
CA ASN A 195 12.05 -11.37 -8.43
C ASN A 195 10.86 -12.30 -8.20
N PRO A 196 9.92 -11.92 -7.30
CA PRO A 196 8.75 -12.75 -7.02
C PRO A 196 7.88 -13.00 -8.24
N GLN A 197 7.43 -14.24 -8.36
CA GLN A 197 6.66 -14.63 -9.52
C GLN A 197 5.29 -14.02 -9.74
N CYS A 198 4.56 -13.74 -8.66
CA CYS A 198 3.21 -13.23 -8.85
C CYS A 198 3.08 -11.91 -9.59
N ILE A 199 4.12 -11.08 -9.52
CA ILE A 199 4.06 -9.78 -10.19
C ILE A 199 4.54 -9.86 -11.64
N LEU A 200 4.90 -11.07 -12.07
CA LEU A 200 5.31 -11.29 -13.45
C LEU A 200 4.05 -11.63 -14.22
N ASN A 201 3.02 -12.07 -13.50
CA ASN A 201 1.74 -12.48 -14.07
C ASN A 201 0.72 -11.37 -14.37
N ALA A 202 0.47 -11.07 -15.65
CA ALA A 202 -0.55 -10.07 -15.97
C ALA A 202 -1.92 -10.68 -15.64
N PRO A 203 -2.89 -9.85 -15.27
CA PRO A 203 -4.22 -10.39 -14.94
C PRO A 203 -4.85 -11.21 -16.08
CD CD B . 8.12 3.98 6.00
CD CD C . -12.20 3.22 -11.56
CD CD D . 21.04 4.95 -8.97
CD CD E . -21.35 0.43 13.10
CD CD F . 4.51 -0.87 -19.30
CD CD G . 10.20 -12.74 -2.09
CD CD H . -6.22 -12.37 -18.04
CD CD I . -1.99 13.41 7.16
CD CD J . 18.00 11.95 -8.03
CD CD K . 0.89 -19.57 5.66
#